data_3IGM
#
_entry.id   3IGM
#
_cell.length_a   43.810
_cell.length_b   58.821
_cell.length_c   177.296
_cell.angle_alpha   90.00
_cell.angle_beta   90.00
_cell.angle_gamma   90.00
#
_symmetry.space_group_name_H-M   'C 2 2 21'
#
loop_
_entity.id
_entity.type
_entity.pdbx_description
1 polymer 'PF14_0633 protein'
2 polymer "5'-D(*TP*GP*CP*AP*TP*GP*CP*A)-3'"
3 water water
#
loop_
_entity_poly.entity_id
_entity_poly.type
_entity_poly.pdbx_seq_one_letter_code
_entity_poly.pdbx_strand_id
1 'polypeptide(L)' GSHMSSGYPGVSWNKRMCAWLAFFYDGASRRSRTFHPKHFNMDKEKARLAAVEFMKTVENNGRKKLEPGGSQFIVTD B,A
2 'polydeoxyribonucleotide' (DT)(DG)(DC)(DA)(DT)(DG)(DC)(DA) W,X,C,D
#
# COMPACT_ATOMS: atom_id res chain seq x y z
N MET A 4 -12.91 3.14 14.91
CA MET A 4 -13.02 2.91 13.43
C MET A 4 -11.66 3.01 12.73
N SER A 5 -11.59 2.54 11.48
CA SER A 5 -10.37 2.70 10.66
C SER A 5 -10.24 4.16 10.18
N SER A 6 -11.38 4.80 9.93
CA SER A 6 -11.41 6.18 9.43
C SER A 6 -11.70 7.22 10.51
N GLY A 7 -12.50 6.81 11.50
CA GLY A 7 -13.04 7.73 12.49
C GLY A 7 -14.18 8.58 11.97
N TYR A 8 -14.81 8.15 10.87
CA TYR A 8 -15.95 8.88 10.32
C TYR A 8 -17.03 7.96 9.76
N PRO A 9 -18.31 8.21 10.14
CA PRO A 9 -19.42 7.37 9.71
C PRO A 9 -19.51 7.22 8.19
N GLY A 10 -19.47 5.97 7.73
CA GLY A 10 -19.67 5.66 6.33
C GLY A 10 -18.39 5.49 5.56
N VAL A 11 -17.26 5.84 6.18
CA VAL A 11 -15.97 5.75 5.52
C VAL A 11 -15.15 4.62 6.09
N SER A 12 -14.72 3.69 5.24
CA SER A 12 -13.94 2.54 5.73
C SER A 12 -12.85 2.10 4.77
N TRP A 13 -11.76 1.62 5.36
CA TRP A 13 -10.63 1.07 4.64
C TRP A 13 -10.93 -0.34 4.10
N ASN A 14 -10.82 -0.48 2.79
CA ASN A 14 -10.93 -1.78 2.12
C ASN A 14 -9.51 -2.31 1.93
N LYS A 15 -9.17 -3.37 2.67
CA LYS A 15 -7.80 -3.91 2.67
C LYS A 15 -7.33 -4.46 1.31
N ARG A 16 -8.16 -5.30 0.68
CA ARG A 16 -7.85 -5.79 -0.67
C ARG A 16 -7.53 -4.66 -1.66
N MET A 17 -8.35 -3.60 -1.66
CA MET A 17 -8.19 -2.50 -2.60
C MET A 17 -7.11 -1.52 -2.18
N CYS A 18 -6.77 -1.53 -0.89
CA CYS A 18 -5.88 -0.51 -0.36
C CYS A 18 -6.48 0.89 -0.63
N ALA A 19 -7.75 1.06 -0.27
CA ALA A 19 -8.50 2.29 -0.52
C ALA A 19 -9.59 2.47 0.52
N TRP A 20 -9.93 3.73 0.78
CA TRP A 20 -11.10 4.11 1.55
C TRP A 20 -12.29 4.09 0.63
N LEU A 21 -13.37 3.44 1.04
CA LEU A 21 -14.64 3.62 0.35
C LEU A 21 -15.61 4.39 1.22
N ALA A 22 -16.27 5.35 0.61
CA ALA A 22 -17.33 6.12 1.23
C ALA A 22 -18.63 5.48 0.79
N PHE A 23 -19.35 4.94 1.75
CA PHE A 23 -20.63 4.28 1.55
C PHE A 23 -21.73 5.26 1.87
N PHE A 24 -22.72 5.36 1.00
CA PHE A 24 -23.77 6.36 1.14
C PHE A 24 -25.07 5.80 0.59
N TYR A 25 -26.18 6.34 1.08
CA TYR A 25 -27.48 5.97 0.55
C TYR A 25 -27.90 6.90 -0.59
N ASP A 26 -28.37 6.30 -1.68
CA ASP A 26 -28.91 7.06 -2.81
C ASP A 26 -30.37 6.62 -2.96
N GLY A 27 -31.26 7.37 -2.30
CA GLY A 27 -32.63 6.90 -2.05
C GLY A 27 -32.52 5.71 -1.12
N ALA A 28 -33.06 4.56 -1.56
CA ALA A 28 -32.94 3.31 -0.81
C ALA A 28 -31.63 2.54 -1.10
N SER A 29 -31.03 2.83 -2.25
CA SER A 29 -29.87 2.06 -2.76
C SER A 29 -28.54 2.44 -2.10
N ARG A 30 -27.90 1.45 -1.47
CA ARG A 30 -26.58 1.63 -0.87
C ARG A 30 -25.48 1.54 -1.93
N ARG A 31 -24.60 2.53 -1.90
CA ARG A 31 -23.59 2.72 -2.95
C ARG A 31 -22.26 3.04 -2.32
N SER A 32 -21.19 2.98 -3.11
CA SER A 32 -19.87 3.32 -2.61
C SER A 32 -19.04 4.09 -3.61
N ARG A 33 -18.16 4.94 -3.09
CA ARG A 33 -17.19 5.67 -3.90
C ARG A 33 -15.79 5.38 -3.37
N THR A 34 -14.89 5.03 -4.29
CA THR A 34 -13.55 4.60 -3.96
C THR A 34 -12.52 5.74 -3.95
N PHE A 35 -11.72 5.80 -2.89
CA PHE A 35 -10.66 6.79 -2.73
C PHE A 35 -9.31 6.13 -2.42
N HIS A 36 -8.52 5.91 -3.48
CA HIS A 36 -7.16 5.40 -3.33
C HIS A 36 -6.23 6.50 -2.83
N PRO A 37 -5.22 6.14 -2.01
CA PRO A 37 -4.20 7.12 -1.69
C PRO A 37 -3.73 7.80 -2.97
N LYS A 38 -3.57 9.12 -2.89
CA LYS A 38 -3.09 9.91 -4.00
C LYS A 38 -1.76 9.35 -4.50
N HIS A 39 -1.64 9.24 -5.82
CA HIS A 39 -0.44 8.75 -6.50
C HIS A 39 -0.01 7.35 -6.04
N PHE A 40 -0.97 6.50 -5.66
CA PHE A 40 -0.63 5.17 -5.16
C PHE A 40 0.14 4.34 -6.18
N ASN A 41 -0.33 4.33 -7.43
CA ASN A 41 0.32 3.58 -8.50
C ASN A 41 1.78 4.02 -8.70
N MET A 42 1.99 5.32 -8.91
CA MET A 42 3.34 5.90 -9.04
C MET A 42 4.25 5.45 -7.90
N ASP A 43 3.81 5.71 -6.66
CA ASP A 43 4.63 5.47 -5.48
C ASP A 43 4.86 3.99 -5.17
N LYS A 44 3.89 3.14 -5.52
CA LYS A 44 4.03 1.69 -5.37
C LYS A 44 5.08 1.17 -6.36
N GLU A 45 4.99 1.64 -7.59
CA GLU A 45 5.95 1.30 -8.63
C GLU A 45 7.38 1.77 -8.31
N LYS A 46 7.50 2.98 -7.78
CA LYS A 46 8.82 3.51 -7.35
C LYS A 46 9.38 2.70 -6.18
N ALA A 47 8.50 2.26 -5.28
CA ALA A 47 8.87 1.36 -4.18
C ALA A 47 9.32 0.00 -4.70
N ARG A 48 8.69 -0.49 -5.77
CA ARG A 48 9.05 -1.76 -6.38
C ARG A 48 10.45 -1.71 -7.01
N LEU A 49 10.74 -0.61 -7.71
CA LEU A 49 12.05 -0.37 -8.32
C LEU A 49 13.14 -0.30 -7.25
N ALA A 50 12.91 0.50 -6.22
CA ALA A 50 13.80 0.61 -5.07
C ALA A 50 14.09 -0.75 -4.41
N ALA A 51 13.06 -1.59 -4.32
CA ALA A 51 13.19 -2.92 -3.71
C ALA A 51 13.97 -3.91 -4.59
N VAL A 52 13.76 -3.80 -5.91
CA VAL A 52 14.50 -4.61 -6.89
C VAL A 52 15.97 -4.19 -6.91
N GLU A 53 16.21 -2.87 -6.88
CA GLU A 53 17.57 -2.32 -6.82
C GLU A 53 18.31 -2.84 -5.60
N PHE A 54 17.63 -2.82 -4.45
CA PHE A 54 18.25 -3.37 -3.23
C PHE A 54 18.50 -4.88 -3.35
N MET A 55 17.53 -5.57 -3.93
CA MET A 55 17.62 -7.02 -4.12
C MET A 55 18.87 -7.40 -4.92
N LYS A 56 19.19 -6.62 -5.94
CA LYS A 56 20.34 -6.84 -6.82
C LYS A 56 21.67 -6.68 -6.07
N THR A 57 21.68 -5.75 -5.12
CA THR A 57 22.81 -5.49 -4.22
C THR A 57 23.15 -6.73 -3.38
N VAL A 58 22.13 -7.55 -3.13
CA VAL A 58 22.25 -8.65 -2.19
C VAL A 58 22.14 -10.04 -2.89
N GLU A 59 22.39 -10.05 -4.20
CA GLU A 59 22.39 -11.29 -4.98
C GLU A 59 23.78 -11.91 -5.10
N ASN A 60 24.31 -12.34 -3.96
CA ASN A 60 25.62 -12.98 -3.87
C ASN A 60 25.64 -13.97 -2.71
N ASN A 61 26.71 -14.74 -2.60
CA ASN A 61 26.83 -15.73 -1.53
C ASN A 61 27.74 -15.36 -0.34
N GLY A 62 28.36 -14.19 -0.43
CA GLY A 62 29.17 -13.65 0.66
C GLY A 62 28.30 -13.12 1.80
N ARG A 63 28.93 -12.85 2.93
CA ARG A 63 28.25 -12.25 4.08
C ARG A 63 27.85 -10.78 3.81
N LYS A 64 26.79 -10.33 4.47
CA LYS A 64 26.18 -9.03 4.18
C LYS A 64 26.56 -7.93 5.16
N LYS A 65 26.14 -6.69 4.85
CA LYS A 65 26.32 -5.54 5.75
C LYS A 65 25.30 -5.55 6.89
N MET D 4 6.46 -14.12 -9.18
CA MET D 4 6.36 -13.22 -7.98
C MET D 4 5.41 -12.05 -8.22
N SER D 5 4.99 -11.38 -7.15
CA SER D 5 4.08 -10.22 -7.26
C SER D 5 4.77 -8.98 -7.86
N SER D 6 6.09 -8.87 -7.64
CA SER D 6 6.89 -7.90 -8.39
C SER D 6 7.25 -8.56 -9.72
N GLY D 7 7.98 -7.88 -10.58
CA GLY D 7 8.46 -8.57 -11.79
C GLY D 7 9.74 -9.35 -11.55
N TYR D 8 10.09 -9.57 -10.28
CA TYR D 8 11.47 -9.91 -9.92
C TYR D 8 11.66 -10.93 -8.78
N PRO D 9 12.62 -11.87 -8.94
CA PRO D 9 12.89 -12.85 -7.89
C PRO D 9 13.31 -12.25 -6.54
N GLY D 10 12.65 -12.72 -5.48
CA GLY D 10 12.99 -12.35 -4.12
C GLY D 10 12.21 -11.17 -3.57
N VAL D 11 11.62 -10.37 -4.47
CA VAL D 11 10.79 -9.22 -4.08
C VAL D 11 9.31 -9.57 -4.16
N SER D 12 8.62 -9.49 -3.01
CA SER D 12 7.19 -9.75 -2.99
C SER D 12 6.40 -8.71 -2.21
N TRP D 13 5.17 -8.49 -2.68
CA TRP D 13 4.20 -7.63 -2.01
C TRP D 13 3.60 -8.31 -0.77
N ASN D 14 3.76 -7.67 0.38
CA ASN D 14 3.09 -8.08 1.62
C ASN D 14 1.82 -7.23 1.77
N LYS D 15 0.67 -7.88 1.64
CA LYS D 15 -0.64 -7.21 1.58
C LYS D 15 -1.01 -6.46 2.87
N ARG D 16 -0.90 -7.13 4.02
CA ARG D 16 -1.16 -6.51 5.33
C ARG D 16 -0.27 -5.28 5.54
N MET D 17 1.01 -5.42 5.20
CA MET D 17 1.97 -4.32 5.34
C MET D 17 1.78 -3.21 4.30
N CYS D 18 1.17 -3.56 3.16
CA CYS D 18 1.11 -2.69 1.99
C CYS D 18 2.53 -2.21 1.58
N ALA D 19 3.44 -3.17 1.45
CA ALA D 19 4.87 -2.88 1.21
C ALA D 19 5.59 -4.01 0.50
N TRP D 20 6.58 -3.65 -0.29
CA TRP D 20 7.46 -4.62 -0.94
C TRP D 20 8.48 -5.12 0.06
N LEU D 21 8.64 -6.44 0.11
CA LEU D 21 9.70 -7.04 0.91
C LEU D 21 10.74 -7.70 0.02
N ALA D 22 12.01 -7.40 0.27
CA ALA D 22 13.10 -8.03 -0.44
C ALA D 22 13.70 -9.09 0.48
N PHE D 23 13.53 -10.36 0.11
CA PHE D 23 14.05 -11.47 0.90
C PHE D 23 15.42 -11.91 0.40
N PHE D 24 16.38 -11.98 1.31
CA PHE D 24 17.74 -12.31 0.95
C PHE D 24 18.45 -13.21 1.96
N TYR D 25 19.67 -13.61 1.61
CA TYR D 25 20.47 -14.46 2.48
C TYR D 25 21.75 -13.76 2.89
N ASP D 26 21.92 -13.66 4.21
CA ASP D 26 23.14 -13.18 4.83
C ASP D 26 23.83 -14.45 5.31
N GLY D 27 24.56 -15.09 4.40
CA GLY D 27 25.14 -16.41 4.66
C GLY D 27 24.08 -17.45 4.95
N ALA D 28 24.08 -17.93 6.20
CA ALA D 28 23.14 -18.94 6.68
C ALA D 28 21.75 -18.37 6.96
N SER D 29 21.70 -17.14 7.43
CA SER D 29 20.44 -16.53 7.83
C SER D 29 19.65 -15.95 6.66
N ARG D 30 18.34 -16.18 6.69
CA ARG D 30 17.41 -15.54 5.77
C ARG D 30 16.95 -14.21 6.34
N ARG D 31 17.06 -13.16 5.54
CA ARG D 31 16.77 -11.80 5.98
C ARG D 31 15.73 -11.18 5.08
N SER D 32 15.15 -10.05 5.52
CA SER D 32 14.25 -9.26 4.69
C SER D 32 14.34 -7.76 4.97
N ARG D 33 14.22 -6.95 3.92
CA ARG D 33 14.08 -5.49 4.03
C ARG D 33 12.77 -5.01 3.42
N THR D 34 12.13 -4.10 4.14
CA THR D 34 10.80 -3.59 3.80
C THR D 34 10.84 -2.26 3.02
N PHE D 35 10.00 -2.18 1.99
CA PHE D 35 9.90 -0.99 1.14
C PHE D 35 8.46 -0.53 0.95
N HIS D 36 8.02 0.41 1.79
CA HIS D 36 6.69 1.04 1.67
C HIS D 36 6.71 2.04 0.52
N PRO D 37 5.54 2.22 -0.15
CA PRO D 37 5.46 3.37 -1.07
C PRO D 37 5.86 4.64 -0.32
N LYS D 38 6.65 5.50 -0.98
CA LYS D 38 7.37 6.61 -0.31
C LYS D 38 6.56 7.48 0.66
N HIS D 39 5.41 7.99 0.24
CA HIS D 39 4.64 8.86 1.13
C HIS D 39 3.28 8.25 1.44
N PHE D 40 3.29 6.94 1.72
CA PHE D 40 2.05 6.18 1.90
C PHE D 40 1.15 6.73 3.00
N ASN D 41 1.73 6.95 4.18
CA ASN D 41 0.96 7.43 5.32
C ASN D 41 0.28 8.77 5.09
N MET D 42 1.02 9.71 4.51
CA MET D 42 0.49 11.03 4.20
C MET D 42 -0.60 10.96 3.12
N ASP D 43 -0.38 10.15 2.08
CA ASP D 43 -1.29 10.08 0.94
C ASP D 43 -2.55 9.27 1.24
N LYS D 44 -2.43 8.34 2.19
CA LYS D 44 -3.58 7.58 2.67
C LYS D 44 -4.47 8.52 3.48
N GLU D 45 -3.83 9.38 4.28
CA GLU D 45 -4.55 10.36 5.09
C GLU D 45 -5.27 11.40 4.23
N LYS D 46 -4.59 11.87 3.18
CA LYS D 46 -5.23 12.76 2.19
C LYS D 46 -6.45 12.13 1.55
N ALA D 47 -6.35 10.83 1.23
CA ALA D 47 -7.46 10.08 0.63
C ALA D 47 -8.60 9.91 1.62
N ARG D 48 -8.26 9.67 2.89
CA ARG D 48 -9.24 9.62 3.98
C ARG D 48 -10.04 10.94 4.09
N LEU D 49 -9.33 12.07 4.05
CA LEU D 49 -9.98 13.38 4.18
C LEU D 49 -10.89 13.66 3.00
N ALA D 50 -10.51 13.17 1.82
CA ALA D 50 -11.30 13.31 0.60
C ALA D 50 -12.55 12.46 0.65
N ALA D 51 -12.42 11.25 1.18
CA ALA D 51 -13.58 10.36 1.38
C ALA D 51 -14.57 10.99 2.35
N VAL D 52 -14.05 11.59 3.42
CA VAL D 52 -14.89 12.28 4.42
C VAL D 52 -15.61 13.47 3.80
N GLU D 53 -14.86 14.28 3.04
CA GLU D 53 -15.42 15.43 2.32
C GLU D 53 -16.56 15.01 1.41
N PHE D 54 -16.36 13.93 0.65
CA PHE D 54 -17.39 13.38 -0.25
C PHE D 54 -18.63 12.96 0.55
N MET D 55 -18.36 12.28 1.67
CA MET D 55 -19.42 11.84 2.58
C MET D 55 -20.32 13.01 3.01
N LYS D 56 -19.71 14.13 3.41
CA LYS D 56 -20.47 15.29 3.89
C LYS D 56 -21.22 16.00 2.76
N THR D 57 -20.61 15.99 1.57
CA THR D 57 -21.15 16.67 0.42
C THR D 57 -22.29 15.86 -0.20
N VAL D 58 -22.06 14.56 -0.41
CA VAL D 58 -23.03 13.70 -1.03
C VAL D 58 -24.24 13.41 -0.14
N GLU D 59 -24.04 13.39 1.18
CA GLU D 59 -25.15 13.29 2.14
C GLU D 59 -26.14 14.44 1.96
#